data_7I2C
#
_entry.id   7I2C
#
_cell.length_a   82.637
_cell.length_b   117.008
_cell.length_c   149.100
_cell.angle_alpha   90.00
_cell.angle_beta   90.00
_cell.angle_gamma   90.00
#
_symmetry.space_group_name_H-M   'I 2 2 2'
#
loop_
_entity.id
_entity.type
_entity.pdbx_description
1 polymer 'NS5 RNA-dependent RNA polymerase'
2 non-polymer 'ZINC ION'
3 non-polymer '2-(N-MORPHOLINO)-ETHANESULFONIC ACID'
4 non-polymer 'DIMETHYL SULFOXIDE'
5 non-polymer DI(HYDROXYETHYL)ETHER
6 non-polymer 'PHOSPHATE ION'
7 non-polymer 3-fluoro-N-(1,3,5-trimethyl-1H-pyrazol-4-yl)benzene-1-sulfonamide
8 non-polymer 'CHLORIDE ION'
9 water water
#
_entity_poly.entity_id   1
_entity_poly.type   'polypeptide(L)'
_entity_poly.pdbx_seq_one_letter_code
;GPGIESETPNLDIIGKRIEKIKQEHETSWHYDQDHPYKTWAYHGSYETKQTGSASSMVNGVVRLLTKPWDIIPMVTQMAM
TDTTPFGQQRVFKEKVDTRTQEPKEGTKKLMKITAEWLWKELGKKKTPRMCTREEFTRKVRSNAALGAIFTDENKWKSAR
EAVEDSGFWELVDKERNLHLEGKCETCVYNMMGKREKKLGEFGKAKGSRAIWYMWLGARFLEFEALGFLNEDHWFSRENS
LSGVEGEGLHKLGYILRDVSKKEGGAMYADDTAGWDTRITLEDLKNEEMVTNHMEGEHKKLAEAIFKLTYQNKVVRVQRP
TPRGTVMDIISRRDQRGSGQVVTYGLNTFTNMEAQLIRQMEGEGVFKSIQHLTVTEEIAVKNWLVRVGRERLSRMAISGD
DCVVKPLDDRFASALTALNDMGKVRKDIQQWEPSRGWNDWTQVPFCSHHFHELIMKDGRVLVVPCRNQDELIGRARISQG
AGWSLRETACLGKSYAQMWSLMYFHRRDLRLAANAICSAVPSHWVPTSRTTWSIHATHEWMTTEDMLTVWNRVWIQENPW
MEDKTPVESWEEIPYLGKREDQWCGSLIGLTSRATWAKNIQTAINQVRSLIGNEEYTDYMPSMKRFRREEEEAGVLW
;
_entity_poly.pdbx_strand_id   A
#
# COMPACT_ATOMS: atom_id res chain seq x y z
N ASN A 10 -26.86 -14.88 10.52
CA ASN A 10 -27.19 -14.13 9.28
C ASN A 10 -28.01 -12.89 9.66
N LEU A 11 -29.31 -12.88 9.30
CA LEU A 11 -30.20 -11.68 9.39
C LEU A 11 -30.22 -11.15 10.83
N ASP A 12 -29.94 -12.00 11.82
CA ASP A 12 -29.84 -11.59 13.24
C ASP A 12 -28.65 -10.64 13.42
N ILE A 13 -27.57 -10.84 12.65
CA ILE A 13 -26.29 -10.09 12.79
C ILE A 13 -26.37 -8.79 11.97
N ILE A 14 -26.96 -8.85 10.77
CA ILE A 14 -27.00 -7.72 9.80
C ILE A 14 -28.36 -6.98 9.85
N GLY A 15 -29.41 -7.64 10.36
CA GLY A 15 -30.80 -7.09 10.37
C GLY A 15 -30.90 -5.68 10.95
N LYS A 16 -30.33 -5.48 12.15
CA LYS A 16 -30.38 -4.20 12.91
C LYS A 16 -29.88 -3.06 12.01
N ARG A 17 -28.70 -3.23 11.40
CA ARG A 17 -28.07 -2.23 10.51
C ARG A 17 -29.03 -1.91 9.35
N ILE A 18 -29.60 -2.94 8.73
CA ILE A 18 -30.56 -2.81 7.60
C ILE A 18 -31.82 -2.11 8.13
N GLU A 19 -32.49 -2.71 9.12
CA GLU A 19 -33.69 -2.15 9.80
C GLU A 19 -33.52 -0.64 9.93
N LYS A 20 -32.43 -0.18 10.57
CA LYS A 20 -32.16 1.26 10.84
C LYS A 20 -32.05 2.10 9.56
N ILE A 21 -31.52 1.54 8.47
CA ILE A 21 -31.41 2.26 7.16
C ILE A 21 -32.81 2.35 6.54
N LYS A 22 -33.57 1.26 6.57
CA LYS A 22 -34.98 1.18 6.07
C LYS A 22 -35.75 2.42 6.56
N GLN A 23 -35.67 2.75 7.85
CA GLN A 23 -36.47 3.81 8.52
C GLN A 23 -36.01 5.23 8.15
N GLU A 24 -34.72 5.46 7.94
CA GLU A 24 -34.22 6.82 7.61
C GLU A 24 -34.68 7.20 6.19
N HIS A 25 -35.13 6.20 5.41
CA HIS A 25 -35.58 6.38 4.00
C HIS A 25 -36.88 5.59 3.78
N GLU A 26 -37.78 5.62 4.78
CA GLU A 26 -39.12 4.95 4.79
C GLU A 26 -39.97 5.47 3.62
N THR A 27 -39.77 6.73 3.22
CA THR A 27 -40.46 7.37 2.07
C THR A 27 -40.14 6.60 0.77
N SER A 28 -38.91 6.08 0.60
CA SER A 28 -38.36 5.63 -0.70
C SER A 28 -38.10 4.11 -0.79
N TRP A 29 -38.44 3.32 0.23
CA TRP A 29 -37.99 1.91 0.33
C TRP A 29 -38.81 1.00 -0.61
N HIS A 30 -38.12 0.28 -1.51
CA HIS A 30 -38.72 -0.70 -2.45
C HIS A 30 -37.75 -1.86 -2.70
N TYR A 31 -38.26 -3.10 -2.77
CA TYR A 31 -37.51 -4.25 -3.31
C TYR A 31 -37.52 -4.18 -4.84
N ASP A 32 -36.66 -3.33 -5.42
CA ASP A 32 -36.39 -3.24 -6.88
C ASP A 32 -36.15 -4.67 -7.43
N GLN A 33 -36.84 -5.01 -8.52
CA GLN A 33 -36.82 -6.36 -9.14
C GLN A 33 -35.77 -6.44 -10.25
N ASP A 34 -35.33 -5.29 -10.77
CA ASP A 34 -34.29 -5.16 -11.83
C ASP A 34 -32.92 -4.93 -11.16
N HIS A 35 -32.64 -5.61 -10.04
CA HIS A 35 -31.37 -5.48 -9.28
C HIS A 35 -30.28 -6.30 -9.97
N PRO A 36 -29.10 -5.71 -10.28
CA PRO A 36 -28.06 -6.41 -11.04
C PRO A 36 -27.12 -7.37 -10.29
N TYR A 37 -27.44 -7.74 -9.05
CA TYR A 37 -26.53 -8.51 -8.15
C TYR A 37 -26.80 -10.00 -8.35
N LYS A 38 -25.74 -10.80 -8.36
CA LYS A 38 -25.81 -12.28 -8.36
C LYS A 38 -25.21 -12.89 -7.08
N THR A 39 -23.97 -12.47 -6.73
CA THR A 39 -23.20 -13.02 -5.58
C THR A 39 -23.46 -12.19 -4.32
N TRP A 40 -23.85 -10.93 -4.48
CA TRP A 40 -24.19 -10.00 -3.37
C TRP A 40 -25.67 -10.14 -3.01
N ALA A 41 -25.95 -10.49 -1.75
CA ALA A 41 -27.35 -10.57 -1.27
C ALA A 41 -27.96 -9.16 -1.25
N TYR A 42 -29.08 -8.97 -1.93
CA TYR A 42 -29.75 -7.66 -2.02
C TYR A 42 -30.81 -7.57 -0.93
N HIS A 43 -31.10 -6.37 -0.47
CA HIS A 43 -32.05 -6.22 0.65
C HIS A 43 -33.08 -5.15 0.32
N GLY A 44 -32.68 -4.10 -0.40
CA GLY A 44 -33.60 -3.00 -0.70
C GLY A 44 -32.91 -1.80 -1.32
N SER A 45 -33.69 -0.82 -1.77
CA SER A 45 -33.15 0.41 -2.39
C SER A 45 -33.79 1.64 -1.74
N TYR A 46 -33.37 2.84 -2.16
CA TYR A 46 -33.89 4.16 -1.70
C TYR A 46 -33.18 5.27 -2.49
N GLU A 47 -33.91 6.36 -2.78
CA GLU A 47 -33.44 7.49 -3.64
C GLU A 47 -32.36 8.27 -2.90
N THR A 48 -31.40 8.82 -3.65
CA THR A 48 -30.24 9.59 -3.11
C THR A 48 -29.87 10.71 -4.09
N SER A 55 -12.63 13.93 -9.74
CA SER A 55 -11.77 13.79 -10.95
C SER A 55 -10.34 14.24 -10.63
N SER A 56 -9.37 13.78 -11.43
CA SER A 56 -7.94 14.17 -11.32
C SER A 56 -7.76 15.59 -11.86
N MET A 57 -7.19 16.49 -11.06
CA MET A 57 -6.90 17.88 -11.46
C MET A 57 -5.39 18.02 -11.75
N VAL A 58 -5.02 18.91 -12.67
CA VAL A 58 -3.59 19.11 -13.04
C VAL A 58 -2.90 20.06 -12.06
N ASN A 59 -1.70 19.69 -11.61
CA ASN A 59 -0.76 20.55 -10.86
C ASN A 59 0.00 21.47 -11.84
N GLY A 60 -0.37 22.73 -11.90
CA GLY A 60 0.20 23.74 -12.83
C GLY A 60 1.65 24.06 -12.57
N VAL A 61 2.09 24.04 -11.31
CA VAL A 61 3.50 24.26 -11.01
C VAL A 61 4.32 23.13 -11.60
N VAL A 62 3.97 21.85 -11.38
CA VAL A 62 4.81 20.75 -11.95
C VAL A 62 4.72 20.75 -13.51
N ARG A 63 3.55 20.98 -14.08
CA ARG A 63 3.37 20.93 -15.55
C ARG A 63 4.14 22.05 -16.22
N LEU A 64 4.14 23.27 -15.67
CA LEU A 64 4.90 24.37 -16.33
C LEU A 64 6.41 24.08 -16.31
N LEU A 65 6.91 23.30 -15.35
CA LEU A 65 8.36 22.95 -15.28
C LEU A 65 8.71 21.59 -15.92
N THR A 66 7.76 20.94 -16.61
CA THR A 66 7.98 19.67 -17.33
C THR A 66 7.41 19.80 -18.75
N LYS A 67 7.70 20.90 -19.43
CA LYS A 67 7.13 21.18 -20.77
C LYS A 67 7.36 20.02 -21.75
N PRO A 68 8.53 19.38 -21.89
CA PRO A 68 8.75 18.38 -22.94
C PRO A 68 7.72 17.23 -22.87
N TRP A 69 7.17 16.99 -21.67
CA TRP A 69 6.21 15.90 -21.43
C TRP A 69 4.79 16.33 -21.84
N ASP A 70 4.57 17.59 -22.23
CA ASP A 70 3.25 18.05 -22.71
C ASP A 70 2.78 17.34 -23.99
N ILE A 71 3.70 16.74 -24.73
CA ILE A 71 3.45 16.07 -26.03
C ILE A 71 3.71 14.56 -25.91
N ILE A 72 3.77 13.99 -24.69
CA ILE A 72 4.01 12.53 -24.46
C ILE A 72 2.71 11.94 -23.97
N PRO A 73 1.98 11.19 -24.82
CA PRO A 73 0.65 10.69 -24.46
C PRO A 73 0.67 9.83 -23.19
N MET A 74 1.72 9.06 -22.93
CA MET A 74 1.71 8.24 -21.69
C MET A 74 1.64 9.14 -20.45
N VAL A 75 2.13 10.37 -20.51
CA VAL A 75 2.03 11.35 -19.39
C VAL A 75 0.67 12.04 -19.44
N THR A 76 0.32 12.60 -20.59
CA THR A 76 -0.85 13.50 -20.71
C THR A 76 -2.15 12.75 -20.52
N GLN A 77 -2.21 11.47 -20.94
CA GLN A 77 -3.45 10.66 -20.82
C GLN A 77 -3.71 10.31 -19.35
N MET A 78 -2.69 10.29 -18.48
CA MET A 78 -2.89 9.92 -17.05
C MET A 78 -3.80 10.91 -16.33
N ALA A 79 -3.85 12.18 -16.77
CA ALA A 79 -4.67 13.24 -16.13
C ALA A 79 -6.12 13.20 -16.64
N MET A 80 -6.44 12.46 -17.71
CA MET A 80 -7.83 12.48 -18.28
C MET A 80 -8.74 11.48 -17.55
N THR A 81 -10.05 11.81 -17.41
CA THR A 81 -11.15 10.82 -17.20
C THR A 81 -12.00 11.13 -15.98
N LYS A 93 -19.23 -4.05 -9.36
CA LYS A 93 -18.27 -4.26 -10.49
C LYS A 93 -18.38 -5.71 -10.98
N GLU A 94 -17.54 -6.09 -11.95
CA GLU A 94 -17.54 -7.44 -12.59
C GLU A 94 -16.38 -8.27 -12.04
N LYS A 95 -15.90 -7.96 -10.83
CA LYS A 95 -14.89 -8.75 -10.08
C LYS A 95 -15.32 -8.84 -8.60
N VAL A 96 -16.00 -7.80 -8.10
CA VAL A 96 -16.58 -7.76 -6.73
C VAL A 96 -17.80 -8.68 -6.68
N ASP A 97 -18.59 -8.71 -7.76
CA ASP A 97 -19.86 -9.50 -7.86
C ASP A 97 -19.54 -10.90 -8.38
N THR A 98 -18.38 -11.45 -8.02
CA THR A 98 -17.96 -12.86 -8.31
C THR A 98 -17.96 -13.67 -7.01
N ARG A 99 -17.81 -14.99 -7.11
CA ARG A 99 -17.85 -15.92 -5.95
C ARG A 99 -16.57 -16.78 -5.95
N THR A 100 -16.14 -17.23 -4.77
CA THR A 100 -14.92 -18.07 -4.57
C THR A 100 -15.35 -19.40 -3.95
N GLN A 101 -15.06 -20.54 -4.59
CA GLN A 101 -15.47 -21.87 -4.10
C GLN A 101 -14.79 -22.18 -2.74
N GLU A 102 -15.42 -22.99 -1.90
CA GLU A 102 -14.88 -23.49 -0.62
C GLU A 102 -13.62 -24.32 -0.92
N PRO A 103 -12.49 -24.06 -0.22
CA PRO A 103 -11.31 -24.91 -0.37
C PRO A 103 -11.63 -26.33 0.14
N LYS A 104 -10.88 -27.30 -0.34
CA LYS A 104 -10.96 -28.73 0.05
C LYS A 104 -10.45 -28.89 1.49
N GLU A 105 -10.70 -30.05 2.09
CA GLU A 105 -10.42 -30.35 3.52
C GLU A 105 -8.92 -30.26 3.81
N GLY A 106 -8.09 -30.90 2.99
CA GLY A 106 -6.63 -30.83 3.03
C GLY A 106 -6.15 -29.37 3.03
N THR A 107 -6.66 -28.55 2.13
CA THR A 107 -6.29 -27.11 2.03
C THR A 107 -6.64 -26.38 3.33
N LYS A 108 -7.88 -26.53 3.78
CA LYS A 108 -8.44 -25.88 5.00
C LYS A 108 -7.58 -26.23 6.22
N LYS A 109 -7.07 -27.46 6.31
CA LYS A 109 -6.21 -27.91 7.43
C LYS A 109 -4.82 -27.28 7.30
N LEU A 110 -4.24 -27.26 6.09
CA LEU A 110 -2.91 -26.61 5.83
C LEU A 110 -2.98 -25.15 6.26
N MET A 111 -4.03 -24.45 5.86
CA MET A 111 -4.17 -23.03 6.20
C MET A 111 -4.29 -22.84 7.74
N LYS A 112 -5.04 -23.72 8.42
CA LYS A 112 -5.36 -23.55 9.85
C LYS A 112 -4.09 -23.79 10.68
N ILE A 113 -3.34 -24.86 10.36
CA ILE A 113 -2.03 -25.15 10.99
C ILE A 113 -1.04 -23.99 10.76
N THR A 114 -0.92 -23.53 9.51
CA THR A 114 0.06 -22.47 9.16
C THR A 114 -0.34 -21.16 9.86
N ALA A 115 -1.60 -20.80 9.83
CA ALA A 115 -2.08 -19.56 10.46
C ALA A 115 -1.82 -19.57 11.98
N GLU A 116 -2.13 -20.70 12.63
CA GLU A 116 -1.90 -20.89 14.10
C GLU A 116 -0.41 -20.66 14.39
N TRP A 117 0.46 -21.32 13.61
CA TRP A 117 1.91 -21.20 13.77
C TRP A 117 2.33 -19.71 13.54
N LEU A 118 1.77 -19.04 12.55
CA LEU A 118 2.26 -17.69 12.15
C LEU A 118 1.84 -16.64 13.19
N TRP A 119 0.61 -16.68 13.70
CA TRP A 119 0.20 -15.72 14.79
C TRP A 119 1.12 -15.92 15.99
N LYS A 120 1.46 -17.16 16.35
CA LYS A 120 2.43 -17.40 17.46
C LYS A 120 3.79 -16.77 17.18
N GLU A 121 4.40 -16.96 15.99
CA GLU A 121 5.71 -16.34 15.71
C GLU A 121 5.60 -14.82 15.78
N LEU A 122 4.53 -14.26 15.20
CA LEU A 122 4.39 -12.79 15.12
C LEU A 122 4.22 -12.25 16.56
N GLY A 123 3.62 -13.07 17.43
CA GLY A 123 3.28 -12.73 18.84
C GLY A 123 4.42 -12.98 19.83
N LYS A 124 5.47 -13.71 19.48
CA LYS A 124 6.58 -14.00 20.43
C LYS A 124 7.17 -12.70 21.02
N LYS A 125 7.41 -11.66 20.23
CA LYS A 125 8.04 -10.44 20.75
C LYS A 125 7.10 -9.24 20.74
N LYS A 126 5.79 -9.43 20.68
CA LYS A 126 4.83 -8.30 20.65
C LYS A 126 3.69 -8.64 21.60
N THR A 127 2.98 -7.62 22.05
CA THR A 127 1.79 -7.76 22.94
C THR A 127 0.59 -7.07 22.33
N PRO A 128 -0.48 -7.79 21.96
CA PRO A 128 -1.68 -7.18 21.47
C PRO A 128 -2.26 -6.24 22.55
N ARG A 129 -2.82 -5.12 22.11
CA ARG A 129 -3.28 -4.03 23.02
C ARG A 129 -4.24 -3.13 22.25
N MET A 130 -5.15 -2.45 22.97
CA MET A 130 -6.09 -1.50 22.35
C MET A 130 -5.38 -0.21 22.03
N CYS A 131 -5.75 0.40 20.91
CA CYS A 131 -5.32 1.76 20.53
C CYS A 131 -6.32 2.77 21.10
N THR A 132 -5.89 3.99 21.35
CA THR A 132 -6.58 4.94 22.28
C THR A 132 -7.31 6.01 21.47
N ARG A 133 -8.32 6.64 22.08
CA ARG A 133 -8.95 7.89 21.56
C ARG A 133 -7.84 8.90 21.23
N GLU A 134 -6.88 9.07 22.15
CA GLU A 134 -5.75 10.02 22.04
C GLU A 134 -4.96 9.73 20.75
N GLU A 135 -4.65 8.46 20.49
CA GLU A 135 -3.85 8.03 19.30
C GLU A 135 -4.67 8.27 18.02
N PHE A 136 -5.97 8.01 18.06
CA PHE A 136 -6.92 8.25 16.94
C PHE A 136 -7.03 9.76 16.70
N THR A 137 -7.32 10.51 17.77
CA THR A 137 -7.47 12.00 17.75
C THR A 137 -6.21 12.66 17.20
N ARG A 138 -5.03 12.13 17.55
CA ARG A 138 -3.73 12.65 17.08
C ARG A 138 -3.58 12.35 15.58
N LYS A 139 -3.98 11.15 15.15
CA LYS A 139 -3.87 10.69 13.74
C LYS A 139 -4.78 11.53 12.84
N VAL A 140 -5.95 11.95 13.34
CA VAL A 140 -6.95 12.75 12.57
C VAL A 140 -6.53 14.22 12.55
N ARG A 141 -5.86 14.69 13.61
CA ARG A 141 -5.33 16.09 13.73
C ARG A 141 -3.96 16.24 13.02
N SER A 142 -3.49 15.22 12.29
CA SER A 142 -2.28 15.28 11.42
C SER A 142 -2.57 14.65 10.03
N ASN A 143 -3.84 14.45 9.68
CA ASN A 143 -4.32 14.06 8.31
C ASN A 143 -3.62 12.81 7.78
N ALA A 144 -4.33 11.68 7.73
CA ALA A 144 -3.90 10.40 7.09
C ALA A 144 -5.08 9.80 6.33
N ALA A 145 -4.86 8.65 5.68
CA ALA A 145 -5.89 7.82 5.01
C ALA A 145 -6.70 7.07 6.07
N LEU A 146 -7.97 7.45 6.25
CA LEU A 146 -8.86 6.93 7.33
C LEU A 146 -10.08 6.23 6.72
N GLY A 147 -10.32 6.45 5.42
CA GLY A 147 -11.46 5.87 4.68
C GLY A 147 -12.79 6.19 5.34
N ALA A 148 -12.95 7.40 5.86
CA ALA A 148 -14.16 7.91 6.54
C ALA A 148 -14.97 8.78 5.56
N ILE A 149 -16.30 8.81 5.74
CA ILE A 149 -17.25 9.62 4.93
C ILE A 149 -17.48 10.97 5.64
N LYS A 155 -24.09 16.12 11.11
CA LYS A 155 -23.90 16.70 12.47
C LYS A 155 -22.49 17.31 12.56
N TRP A 156 -21.51 16.70 11.89
CA TRP A 156 -20.11 17.17 11.79
C TRP A 156 -19.68 17.21 10.33
N LYS A 157 -18.68 18.03 10.01
CA LYS A 157 -18.11 18.17 8.64
C LYS A 157 -16.86 17.32 8.52
N SER A 158 -15.68 17.89 8.83
CA SER A 158 -14.36 17.24 8.80
C SER A 158 -14.23 16.25 9.96
N ALA A 159 -13.18 15.43 9.94
CA ALA A 159 -12.86 14.44 11.00
C ALA A 159 -12.61 15.18 12.32
N ARG A 160 -11.78 16.24 12.28
CA ARG A 160 -11.40 17.05 13.47
C ARG A 160 -12.66 17.39 14.28
N GLU A 161 -13.63 18.06 13.66
CA GLU A 161 -14.84 18.51 14.40
C GLU A 161 -15.41 17.37 15.24
N ALA A 162 -15.66 16.21 14.62
CA ALA A 162 -16.30 15.09 15.35
C ALA A 162 -15.42 14.69 16.53
N VAL A 163 -14.11 14.58 16.29
CA VAL A 163 -13.15 14.17 17.36
C VAL A 163 -13.21 15.20 18.50
N GLU A 164 -13.36 16.47 18.15
CA GLU A 164 -13.45 17.55 19.16
C GLU A 164 -14.93 17.79 19.52
N ASP A 165 -15.68 16.71 19.74
CA ASP A 165 -17.11 16.83 20.13
C ASP A 165 -17.51 15.62 20.96
N SER A 166 -18.00 15.83 22.19
CA SER A 166 -18.33 14.70 23.10
C SER A 166 -19.48 13.87 22.55
N GLY A 167 -20.36 14.47 21.75
CA GLY A 167 -21.54 13.74 21.24
C GLY A 167 -21.10 12.59 20.37
N PHE A 168 -20.10 12.81 19.53
CA PHE A 168 -19.54 11.73 18.69
C PHE A 168 -19.16 10.57 19.59
N TRP A 169 -18.37 10.85 20.63
CA TRP A 169 -17.88 9.74 21.49
C TRP A 169 -19.05 9.02 22.20
N GLU A 170 -20.19 9.68 22.40
CA GLU A 170 -21.35 8.99 23.01
C GLU A 170 -21.95 8.04 21.97
N LEU A 171 -21.94 8.45 20.71
CA LEU A 171 -22.37 7.55 19.59
C LEU A 171 -21.40 6.36 19.55
N VAL A 172 -20.10 6.66 19.51
CA VAL A 172 -18.99 5.67 19.63
C VAL A 172 -19.29 4.76 20.83
N ASP A 173 -19.54 5.35 22.01
CA ASP A 173 -19.83 4.60 23.26
C ASP A 173 -21.06 3.70 23.06
N LYS A 174 -22.12 4.17 22.40
CA LYS A 174 -23.33 3.32 22.22
C LYS A 174 -22.95 2.09 21.38
N GLU A 175 -22.32 2.27 20.22
CA GLU A 175 -21.92 1.11 19.37
C GLU A 175 -20.94 0.25 20.15
N ARG A 176 -20.01 0.89 20.86
CA ARG A 176 -18.99 0.15 21.65
C ARG A 176 -19.71 -0.87 22.53
N ASN A 177 -20.73 -0.43 23.27
CA ASN A 177 -21.49 -1.29 24.24
C ASN A 177 -22.32 -2.32 23.46
N LEU A 178 -22.87 -1.95 22.30
CA LEU A 178 -23.52 -2.93 21.39
C LEU A 178 -22.55 -4.05 20.99
N HIS A 179 -21.31 -3.71 20.60
CA HIS A 179 -20.25 -4.70 20.24
C HIS A 179 -19.93 -5.64 21.42
N LEU A 180 -19.75 -5.11 22.64
CA LEU A 180 -19.48 -5.93 23.88
C LEU A 180 -20.65 -6.90 24.10
N GLU A 181 -21.83 -6.53 23.62
CA GLU A 181 -23.10 -7.31 23.69
C GLU A 181 -23.24 -8.23 22.45
N GLY A 182 -22.29 -8.19 21.51
CA GLY A 182 -22.24 -9.12 20.35
C GLY A 182 -23.16 -8.69 19.20
N LYS A 183 -23.53 -7.40 19.12
CA LYS A 183 -24.50 -6.83 18.15
C LYS A 183 -23.91 -5.56 17.53
N CYS A 184 -24.47 -5.09 16.41
CA CYS A 184 -23.96 -3.94 15.60
C CYS A 184 -25.15 -3.15 15.03
N GLU A 185 -25.06 -1.81 14.96
CA GLU A 185 -26.18 -0.98 14.45
C GLU A 185 -25.71 -0.01 13.35
N THR A 186 -24.49 0.51 13.42
CA THR A 186 -24.04 1.63 12.55
C THR A 186 -22.79 1.31 11.74
N CYS A 187 -22.16 0.12 11.89
CA CYS A 187 -20.93 -0.28 11.13
C CYS A 187 -21.30 -0.78 9.72
N VAL A 188 -21.48 0.15 8.78
CA VAL A 188 -21.95 -0.11 7.38
C VAL A 188 -20.94 0.49 6.39
N TYR A 189 -20.58 -0.28 5.36
CA TYR A 189 -19.61 0.15 4.32
C TYR A 189 -20.34 0.96 3.24
N ASN A 190 -19.62 1.90 2.63
CA ASN A 190 -20.06 2.70 1.45
C ASN A 190 -19.02 2.52 0.33
N MET A 191 -19.43 1.93 -0.80
CA MET A 191 -18.50 1.57 -1.91
C MET A 191 -18.26 2.77 -2.83
N MET A 192 -17.07 2.82 -3.47
CA MET A 192 -16.61 3.91 -4.39
C MET A 192 -15.26 3.55 -5.02
N ALA A 210 -11.39 -0.87 -5.59
CA ALA A 210 -12.59 -0.56 -4.78
C ALA A 210 -12.15 -0.11 -3.38
N ILE A 211 -12.70 1.02 -2.90
CA ILE A 211 -12.48 1.54 -1.52
C ILE A 211 -13.82 1.51 -0.78
N TRP A 212 -13.80 1.03 0.47
CA TRP A 212 -14.99 0.87 1.35
C TRP A 212 -14.89 1.88 2.50
N TYR A 213 -15.48 3.06 2.33
CA TYR A 213 -15.57 4.13 3.36
C TYR A 213 -16.55 3.69 4.47
N MET A 214 -16.28 4.12 5.70
CA MET A 214 -17.15 3.92 6.88
C MET A 214 -17.34 5.28 7.57
N TRP A 215 -18.29 5.40 8.48
CA TRP A 215 -18.40 6.59 9.37
C TRP A 215 -17.25 6.52 10.39
N LEU A 216 -16.68 7.68 10.74
CA LEU A 216 -15.46 7.79 11.57
C LEU A 216 -15.56 6.84 12.77
N GLY A 217 -16.72 6.81 13.44
CA GLY A 217 -17.02 5.97 14.61
C GLY A 217 -16.61 4.51 14.39
N ALA A 218 -17.25 3.84 13.42
CA ALA A 218 -16.97 2.43 13.07
C ALA A 218 -15.46 2.25 12.82
N ARG A 219 -14.84 3.26 12.20
CA ARG A 219 -13.39 3.31 11.86
C ARG A 219 -12.58 3.38 13.17
N PHE A 220 -13.04 4.19 14.13
CA PHE A 220 -12.46 4.29 15.47
C PHE A 220 -12.44 2.93 16.14
N LEU A 221 -13.61 2.28 16.17
CA LEU A 221 -13.79 0.94 16.82
C LEU A 221 -12.87 -0.08 16.15
N GLU A 222 -12.77 -0.04 14.81
CA GLU A 222 -11.80 -0.87 14.05
C GLU A 222 -10.39 -0.57 14.57
N PHE A 223 -10.01 0.70 14.67
CA PHE A 223 -8.65 1.15 15.09
C PHE A 223 -8.33 0.68 16.51
N GLU A 224 -9.30 0.85 17.41
CA GLU A 224 -9.18 0.48 18.84
C GLU A 224 -8.84 -1.01 18.97
N ALA A 225 -9.49 -1.86 18.17
CA ALA A 225 -9.36 -3.32 18.29
C ALA A 225 -8.15 -3.85 17.54
N LEU A 226 -7.80 -3.29 16.36
CA LEU A 226 -6.86 -3.98 15.41
C LEU A 226 -5.74 -3.03 14.96
N GLY A 227 -5.75 -1.78 15.42
CA GLY A 227 -4.72 -0.78 15.06
C GLY A 227 -3.34 -1.16 15.52
N PHE A 228 -3.26 -1.95 16.60
CA PHE A 228 -1.97 -2.46 17.14
C PHE A 228 -1.12 -3.13 16.04
N LEU A 229 -1.74 -3.82 15.08
CA LEU A 229 -0.98 -4.54 14.02
C LEU A 229 -0.08 -3.56 13.27
N ASN A 230 -0.59 -2.37 12.98
CA ASN A 230 0.20 -1.31 12.30
C ASN A 230 0.96 -0.44 13.32
N GLU A 231 0.30 0.03 14.37
CA GLU A 231 0.90 1.00 15.33
C GLU A 231 2.14 0.38 15.97
N ASP A 232 2.14 -0.94 16.23
CA ASP A 232 3.26 -1.65 16.90
C ASP A 232 4.01 -2.57 15.93
N HIS A 233 3.84 -2.37 14.63
CA HIS A 233 4.78 -2.85 13.60
C HIS A 233 4.89 -4.38 13.63
N TRP A 234 3.77 -5.07 13.67
CA TRP A 234 3.72 -6.56 13.64
C TRP A 234 4.34 -7.09 12.32
N PHE A 235 4.21 -6.31 11.24
CA PHE A 235 4.71 -6.70 9.88
C PHE A 235 6.04 -6.04 9.47
N SER A 236 6.77 -5.47 10.43
CA SER A 236 8.20 -5.08 10.24
C SER A 236 8.97 -6.31 9.78
N ARG A 237 10.08 -6.13 9.08
CA ARG A 237 10.93 -7.29 8.67
C ARG A 237 11.55 -7.97 9.90
N GLU A 238 11.90 -7.18 10.93
CA GLU A 238 12.51 -7.75 12.16
C GLU A 238 11.53 -8.72 12.83
N ASN A 239 10.24 -8.38 12.85
CA ASN A 239 9.25 -9.22 13.58
C ASN A 239 8.64 -10.32 12.70
N SER A 240 8.43 -10.07 11.41
CA SER A 240 7.71 -11.03 10.52
C SER A 240 8.65 -11.77 9.56
N LEU A 241 9.87 -11.30 9.37
CA LEU A 241 10.89 -11.92 8.48
C LEU A 241 10.56 -11.74 6.98
N SER A 242 9.30 -11.91 6.60
CA SER A 242 8.87 -11.75 5.19
C SER A 242 8.37 -10.32 4.95
N GLY A 243 7.89 -9.65 6.00
CA GLY A 243 7.26 -8.33 5.85
C GLY A 243 8.28 -7.23 5.54
N VAL A 244 7.76 -6.09 5.11
CA VAL A 244 8.54 -4.86 4.83
C VAL A 244 7.80 -3.62 5.37
N GLU A 245 6.89 -3.78 6.32
CA GLU A 245 6.14 -2.61 6.87
C GLU A 245 7.14 -1.63 7.50
N GLY A 246 7.05 -0.36 7.12
CA GLY A 246 7.90 0.72 7.68
C GLY A 246 9.28 0.78 7.02
N GLU A 247 9.55 -0.08 6.04
CA GLU A 247 10.93 -0.22 5.51
C GLU A 247 11.31 1.07 4.79
N GLY A 248 10.57 1.45 3.74
CA GLY A 248 10.91 2.62 2.92
C GLY A 248 11.51 2.20 1.58
N LEU A 249 11.28 2.98 0.55
N LEU A 249 11.20 2.95 0.51
CA LEU A 249 11.58 2.58 -0.83
CA LEU A 249 11.62 2.61 -0.87
C LEU A 249 13.10 2.49 -1.06
C LEU A 249 13.11 2.33 -0.92
N HIS A 250 13.90 3.17 -0.23
CA HIS A 250 15.39 3.17 -0.23
C HIS A 250 15.94 1.90 0.44
N LYS A 251 15.08 1.05 0.99
CA LYS A 251 15.49 -0.22 1.65
C LYS A 251 15.04 -1.43 0.82
N LEU A 252 13.97 -1.30 0.03
CA LEU A 252 13.34 -2.48 -0.63
C LEU A 252 14.32 -3.16 -1.58
N GLY A 253 15.14 -2.38 -2.30
CA GLY A 253 16.10 -3.00 -3.25
C GLY A 253 17.18 -3.77 -2.49
N TYR A 254 17.70 -3.20 -1.38
CA TYR A 254 18.68 -3.94 -0.56
C TYR A 254 18.06 -5.23 0.00
N ILE A 255 16.79 -5.19 0.37
CA ILE A 255 16.10 -6.38 0.91
C ILE A 255 15.99 -7.45 -0.20
N LEU A 256 15.61 -7.10 -1.43
CA LEU A 256 15.55 -8.07 -2.54
C LEU A 256 16.94 -8.63 -2.86
N ARG A 257 18.01 -7.82 -2.76
CA ARG A 257 19.39 -8.31 -3.03
C ARG A 257 19.77 -9.30 -1.93
N ASP A 258 19.35 -9.06 -0.70
CA ASP A 258 19.65 -10.02 0.42
C ASP A 258 18.91 -11.36 0.18
N VAL A 259 17.66 -11.35 -0.26
CA VAL A 259 16.92 -12.58 -0.64
C VAL A 259 17.68 -13.30 -1.78
N SER A 260 18.20 -12.57 -2.76
CA SER A 260 18.91 -13.13 -3.93
C SER A 260 20.15 -13.91 -3.48
N LYS A 261 20.71 -13.61 -2.32
CA LYS A 261 21.95 -14.26 -1.81
C LYS A 261 21.68 -15.67 -1.26
N LYS A 262 20.43 -16.00 -0.97
CA LYS A 262 20.08 -17.36 -0.51
C LYS A 262 20.37 -18.33 -1.64
N GLU A 263 20.82 -19.54 -1.32
CA GLU A 263 20.83 -20.64 -2.30
C GLU A 263 19.38 -20.96 -2.65
N GLY A 264 19.08 -21.16 -3.92
CA GLY A 264 17.80 -21.78 -4.31
C GLY A 264 17.49 -21.51 -5.76
N GLY A 265 16.21 -21.53 -6.12
CA GLY A 265 15.80 -21.41 -7.53
C GLY A 265 15.65 -19.96 -7.97
N ALA A 266 14.88 -19.76 -9.03
CA ALA A 266 14.54 -18.42 -9.55
C ALA A 266 13.84 -17.62 -8.47
N MET A 267 13.73 -16.30 -8.70
CA MET A 267 12.86 -15.42 -7.88
C MET A 267 11.48 -15.33 -8.54
N TYR A 268 10.44 -15.68 -7.82
CA TYR A 268 9.05 -15.68 -8.33
C TYR A 268 8.34 -14.46 -7.79
N ALA A 269 7.58 -13.82 -8.64
CA ALA A 269 6.81 -12.62 -8.26
C ALA A 269 5.47 -12.68 -8.95
N ASP A 270 4.63 -13.62 -8.57
CA ASP A 270 3.36 -13.80 -9.27
C ASP A 270 2.36 -12.83 -8.64
N ASP A 271 1.65 -12.07 -9.43
CA ASP A 271 0.53 -11.21 -8.97
C ASP A 271 -0.74 -12.05 -8.92
N THR A 272 -1.58 -11.85 -7.92
CA THR A 272 -2.93 -12.43 -7.84
C THR A 272 -3.88 -11.55 -8.63
N ALA A 273 -4.81 -12.17 -9.36
CA ALA A 273 -5.95 -11.47 -10.00
C ALA A 273 -6.97 -11.08 -8.92
N GLY A 274 -7.06 -9.79 -8.58
CA GLY A 274 -8.10 -9.22 -7.69
C GLY A 274 -8.04 -9.84 -6.29
N TRP A 275 -6.90 -9.72 -5.62
CA TRP A 275 -6.64 -10.36 -4.31
C TRP A 275 -7.81 -10.14 -3.32
N ASP A 276 -8.24 -8.91 -3.12
CA ASP A 276 -9.32 -8.56 -2.15
C ASP A 276 -10.58 -9.38 -2.41
N THR A 277 -10.92 -9.67 -3.68
CA THR A 277 -12.14 -10.45 -4.04
C THR A 277 -11.95 -11.93 -3.73
N ARG A 278 -10.70 -12.41 -3.63
CA ARG A 278 -10.36 -13.85 -3.49
C ARG A 278 -10.19 -14.24 -2.02
N ILE A 279 -10.41 -13.33 -1.07
CA ILE A 279 -10.29 -13.64 0.38
C ILE A 279 -11.54 -14.45 0.75
N THR A 280 -11.35 -15.68 1.19
CA THR A 280 -12.47 -16.61 1.47
C THR A 280 -12.92 -16.46 2.93
N LEU A 281 -14.10 -17.00 3.25
CA LEU A 281 -14.62 -16.98 4.63
C LEU A 281 -13.62 -17.71 5.52
N GLU A 282 -12.96 -18.76 5.01
CA GLU A 282 -11.91 -19.51 5.76
C GLU A 282 -10.73 -18.58 6.04
N ASP A 283 -10.23 -17.85 5.04
CA ASP A 283 -9.16 -16.83 5.26
C ASP A 283 -9.56 -15.90 6.43
N LEU A 284 -10.77 -15.35 6.43
CA LEU A 284 -11.25 -14.44 7.52
C LEU A 284 -11.23 -15.11 8.89
N LYS A 285 -11.53 -16.42 8.95
CA LYS A 285 -11.51 -17.24 10.19
C LYS A 285 -10.06 -17.33 10.71
N ASN A 286 -9.13 -17.71 9.84
CA ASN A 286 -7.69 -17.84 10.20
C ASN A 286 -7.17 -16.47 10.65
N GLU A 287 -7.54 -15.38 9.98
CA GLU A 287 -7.14 -14.02 10.42
C GLU A 287 -7.66 -13.75 11.86
N GLU A 288 -8.90 -14.16 12.13
CA GLU A 288 -9.61 -13.97 13.43
C GLU A 288 -8.82 -14.59 14.58
N MET A 289 -8.02 -15.63 14.31
CA MET A 289 -7.23 -16.36 15.35
C MET A 289 -6.29 -15.42 16.10
N VAL A 290 -5.98 -14.23 15.55
CA VAL A 290 -5.17 -13.23 16.31
C VAL A 290 -5.84 -12.99 17.69
N THR A 291 -7.17 -13.02 17.78
CA THR A 291 -7.96 -12.80 19.05
C THR A 291 -7.58 -13.85 20.14
N ASN A 292 -7.09 -15.02 19.74
CA ASN A 292 -6.66 -16.09 20.69
C ASN A 292 -5.51 -15.59 21.56
N HIS A 293 -4.87 -14.49 21.17
CA HIS A 293 -3.66 -13.94 21.83
C HIS A 293 -4.03 -12.73 22.70
N MET A 294 -5.32 -12.40 22.74
CA MET A 294 -5.83 -11.21 23.45
C MET A 294 -6.51 -11.62 24.77
N GLU A 295 -6.93 -10.65 25.59
CA GLU A 295 -7.67 -10.90 26.87
C GLU A 295 -8.59 -9.73 27.18
N GLY A 296 -9.50 -9.90 28.15
CA GLY A 296 -10.36 -8.84 28.69
C GLY A 296 -11.26 -8.23 27.63
N GLU A 297 -11.51 -6.92 27.76
CA GLU A 297 -12.32 -6.08 26.85
C GLU A 297 -11.78 -6.21 25.41
N HIS A 298 -10.48 -6.01 25.26
CA HIS A 298 -9.78 -6.05 23.93
C HIS A 298 -10.23 -7.28 23.15
N LYS A 299 -10.12 -8.47 23.75
CA LYS A 299 -10.50 -9.75 23.11
C LYS A 299 -11.93 -9.67 22.59
N LYS A 300 -12.82 -9.06 23.36
CA LYS A 300 -14.28 -9.06 23.02
C LYS A 300 -14.51 -8.02 21.94
N LEU A 301 -13.85 -6.87 22.04
CA LEU A 301 -13.97 -5.81 21.03
C LEU A 301 -13.42 -6.30 19.67
N ALA A 302 -12.33 -7.07 19.66
CA ALA A 302 -11.68 -7.62 18.44
C ALA A 302 -12.57 -8.71 17.82
N GLU A 303 -13.13 -9.60 18.65
CA GLU A 303 -14.01 -10.72 18.20
C GLU A 303 -15.24 -10.14 17.50
N ALA A 304 -15.70 -8.97 17.93
CA ALA A 304 -16.90 -8.27 17.38
C ALA A 304 -16.55 -7.64 16.04
N ILE A 305 -15.41 -6.95 15.93
CA ILE A 305 -14.96 -6.43 14.61
C ILE A 305 -14.95 -7.58 13.60
N PHE A 306 -14.29 -8.72 13.88
CA PHE A 306 -14.17 -9.86 12.92
C PHE A 306 -15.56 -10.44 12.61
N LYS A 307 -16.35 -10.80 13.63
CA LYS A 307 -17.70 -11.44 13.49
C LYS A 307 -18.69 -10.51 12.80
N LEU A 308 -18.80 -9.27 13.26
CA LEU A 308 -19.95 -8.40 12.92
C LEU A 308 -19.67 -7.56 11.68
N THR A 309 -18.41 -7.17 11.41
CA THR A 309 -18.09 -6.23 10.32
C THR A 309 -17.25 -6.88 9.21
N TYR A 310 -16.47 -7.92 9.47
CA TYR A 310 -15.58 -8.51 8.42
C TYR A 310 -16.26 -9.75 7.86
N GLN A 311 -16.72 -10.65 8.72
CA GLN A 311 -17.34 -11.94 8.30
C GLN A 311 -18.84 -11.78 7.99
N ASN A 312 -19.41 -10.58 8.14
CA ASN A 312 -20.86 -10.31 7.87
C ASN A 312 -21.08 -8.82 7.56
N LYS A 313 -20.86 -8.39 6.31
CA LYS A 313 -20.78 -6.96 5.89
C LYS A 313 -22.16 -6.42 5.49
N VAL A 314 -22.34 -5.10 5.54
CA VAL A 314 -23.54 -4.38 5.03
C VAL A 314 -22.97 -3.21 4.25
N VAL A 315 -23.39 -3.04 3.01
CA VAL A 315 -22.73 -2.09 2.07
C VAL A 315 -23.81 -1.26 1.36
N ARG A 316 -23.53 0.00 1.08
CA ARG A 316 -24.43 0.84 0.26
C ARG A 316 -23.67 1.31 -1.00
N VAL A 317 -24.28 1.10 -2.17
CA VAL A 317 -23.67 1.37 -3.50
C VAL A 317 -24.66 2.18 -4.34
N GLN A 318 -24.17 3.20 -5.06
CA GLN A 318 -24.97 4.08 -5.95
C GLN A 318 -25.11 3.43 -7.33
N ARG A 319 -26.34 3.20 -7.78
CA ARG A 319 -26.70 2.70 -9.13
C ARG A 319 -27.40 3.81 -9.90
N PRO A 320 -26.97 4.15 -11.15
CA PRO A 320 -27.59 5.25 -11.91
C PRO A 320 -29.05 5.07 -12.39
N THR A 321 -29.58 3.85 -12.37
CA THR A 321 -30.98 3.50 -12.76
C THR A 321 -31.96 4.27 -11.87
N THR A 325 -30.88 7.78 -9.98
CA THR A 325 -29.85 7.40 -8.98
C THR A 325 -30.54 6.86 -7.72
N VAL A 326 -30.29 5.59 -7.39
CA VAL A 326 -30.81 4.91 -6.16
C VAL A 326 -29.63 4.47 -5.29
N MET A 327 -29.91 4.06 -4.05
CA MET A 327 -28.92 3.46 -3.12
C MET A 327 -29.32 2.02 -2.84
N ASP A 328 -28.44 1.07 -3.21
CA ASP A 328 -28.64 -0.38 -2.98
C ASP A 328 -28.01 -0.77 -1.64
N ILE A 329 -28.70 -1.60 -0.85
CA ILE A 329 -28.20 -2.09 0.46
C ILE A 329 -28.01 -3.59 0.32
N ILE A 330 -26.75 -3.98 0.13
CA ILE A 330 -26.36 -5.38 -0.18
C ILE A 330 -25.49 -5.89 0.98
N SER A 331 -25.37 -7.20 1.10
CA SER A 331 -24.58 -7.87 2.14
C SER A 331 -23.84 -9.07 1.54
N ARG A 332 -22.72 -9.46 2.15
CA ARG A 332 -21.96 -10.70 1.80
C ARG A 332 -21.06 -11.08 2.98
N ARG A 333 -20.56 -12.33 2.98
CA ARG A 333 -19.89 -12.96 4.14
C ARG A 333 -18.40 -13.20 3.85
N ASP A 334 -17.94 -12.89 2.64
CA ASP A 334 -16.55 -13.15 2.18
C ASP A 334 -15.99 -11.87 1.56
N GLN A 335 -14.77 -11.95 1.02
CA GLN A 335 -14.05 -10.80 0.38
C GLN A 335 -13.48 -9.90 1.47
N ARG A 336 -12.44 -9.16 1.09
CA ARG A 336 -11.80 -8.16 1.96
C ARG A 336 -12.59 -6.88 1.83
N GLY A 337 -12.85 -6.21 2.95
CA GLY A 337 -13.49 -4.88 2.95
C GLY A 337 -13.35 -4.17 4.28
N SER A 338 -12.15 -4.22 4.87
CA SER A 338 -11.80 -3.49 6.12
C SER A 338 -11.42 -2.05 5.76
N GLY A 339 -10.73 -1.38 6.68
CA GLY A 339 -10.12 -0.08 6.36
C GLY A 339 -8.78 -0.39 5.72
N GLN A 340 -8.17 0.56 5.00
CA GLN A 340 -6.93 0.28 4.22
C GLN A 340 -5.79 -0.25 5.08
N VAL A 341 -5.55 0.32 6.27
CA VAL A 341 -4.37 -0.07 7.09
C VAL A 341 -4.53 -1.50 7.64
N VAL A 342 -5.68 -1.83 8.22
CA VAL A 342 -5.92 -3.22 8.67
C VAL A 342 -5.88 -4.15 7.45
N THR A 343 -6.45 -3.71 6.33
CA THR A 343 -6.45 -4.52 5.09
C THR A 343 -5.00 -4.88 4.72
N TYR A 344 -4.08 -3.92 4.82
CA TYR A 344 -2.67 -4.17 4.45
C TYR A 344 -2.08 -5.25 5.35
N GLY A 345 -2.32 -5.12 6.66
CA GLY A 345 -1.70 -6.08 7.61
C GLY A 345 -2.30 -7.47 7.43
N LEU A 346 -3.61 -7.59 7.25
CA LEU A 346 -4.21 -8.92 7.12
C LEU A 346 -3.91 -9.53 5.74
N ASN A 347 -3.84 -8.71 4.67
CA ASN A 347 -3.37 -9.15 3.32
C ASN A 347 -1.95 -9.69 3.47
N THR A 348 -1.06 -8.99 4.19
CA THR A 348 0.33 -9.45 4.39
C THR A 348 0.30 -10.81 5.10
N PHE A 349 -0.48 -10.92 6.16
CA PHE A 349 -0.58 -12.19 6.95
C PHE A 349 -1.00 -13.36 6.06
N THR A 350 -2.10 -13.21 5.32
CA THR A 350 -2.72 -14.28 4.53
C THR A 350 -1.82 -14.62 3.33
N ASN A 351 -1.11 -13.63 2.79
CA ASN A 351 -0.13 -13.82 1.68
C ASN A 351 1.06 -14.60 2.23
N MET A 352 1.54 -14.27 3.43
CA MET A 352 2.67 -15.01 4.01
C MET A 352 2.24 -16.48 4.15
N GLU A 353 1.02 -16.68 4.58
CA GLU A 353 0.50 -18.05 4.89
C GLU A 353 0.42 -18.83 3.56
N ALA A 354 -0.21 -18.24 2.56
CA ALA A 354 -0.38 -18.82 1.21
C ALA A 354 0.98 -19.15 0.61
N GLN A 355 1.98 -18.25 0.69
CA GLN A 355 3.29 -18.54 0.07
C GLN A 355 4.08 -19.60 0.86
N LEU A 356 3.95 -19.70 2.18
CA LEU A 356 4.61 -20.85 2.92
C LEU A 356 4.00 -22.17 2.45
N ILE A 357 2.70 -22.21 2.24
CA ILE A 357 1.99 -23.46 1.82
C ILE A 357 2.45 -23.81 0.39
N ARG A 358 2.55 -22.81 -0.50
CA ARG A 358 3.09 -23.07 -1.85
C ARG A 358 4.52 -23.59 -1.73
N GLN A 359 5.37 -23.04 -0.84
CA GLN A 359 6.70 -23.61 -0.61
C GLN A 359 6.57 -25.08 -0.11
N MET A 360 5.69 -25.37 0.84
CA MET A 360 5.56 -26.76 1.36
C MET A 360 5.23 -27.68 0.17
N GLU A 361 4.31 -27.26 -0.69
CA GLU A 361 3.88 -28.07 -1.85
C GLU A 361 5.09 -28.36 -2.72
N GLY A 362 5.93 -27.37 -3.02
CA GLY A 362 7.06 -27.57 -3.93
C GLY A 362 8.06 -28.52 -3.28
N GLU A 363 8.17 -28.50 -1.96
CA GLU A 363 9.17 -29.32 -1.26
C GLU A 363 8.60 -30.72 -0.96
N GLY A 364 7.38 -31.05 -1.37
CA GLY A 364 6.81 -32.39 -1.15
C GLY A 364 6.38 -32.65 0.28
N VAL A 365 6.04 -31.63 1.08
CA VAL A 365 5.76 -31.86 2.53
C VAL A 365 4.42 -32.62 2.64
N PHE A 366 3.52 -32.39 1.70
CA PHE A 366 2.19 -33.05 1.61
C PHE A 366 2.00 -33.49 0.15
N LYS A 367 1.15 -34.49 -0.09
CA LYS A 367 1.05 -35.18 -1.39
C LYS A 367 -0.16 -34.64 -2.14
N SER A 368 -1.22 -34.30 -1.41
CA SER A 368 -2.54 -33.94 -2.00
C SER A 368 -3.34 -33.04 -1.08
N ILE A 369 -4.08 -32.10 -1.66
CA ILE A 369 -4.91 -31.06 -0.96
C ILE A 369 -6.27 -31.68 -0.60
N GLN A 370 -6.54 -32.89 -1.08
CA GLN A 370 -7.88 -33.51 -0.91
C GLN A 370 -8.06 -33.77 0.58
N HIS A 371 -6.98 -34.22 1.23
CA HIS A 371 -6.98 -34.69 2.62
C HIS A 371 -5.51 -34.80 3.08
N LEU A 372 -5.25 -34.26 4.27
CA LEU A 372 -4.01 -34.45 5.05
C LEU A 372 -4.22 -35.67 5.94
N THR A 373 -3.30 -36.63 5.83
CA THR A 373 -3.24 -37.81 6.74
C THR A 373 -2.76 -37.30 8.08
N VAL A 374 -2.83 -38.14 9.11
CA VAL A 374 -2.44 -37.76 10.50
C VAL A 374 -0.94 -37.43 10.53
N THR A 375 -0.14 -38.22 9.79
CA THR A 375 1.35 -38.16 9.77
C THR A 375 1.81 -36.92 9.00
N GLU A 376 1.13 -36.59 7.89
CA GLU A 376 1.39 -35.36 7.09
C GLU A 376 1.26 -34.15 8.03
N GLU A 377 0.12 -34.02 8.71
CA GLU A 377 -0.12 -32.92 9.70
C GLU A 377 1.16 -32.72 10.51
N ILE A 378 1.62 -33.77 11.19
CA ILE A 378 2.83 -33.74 12.06
C ILE A 378 4.05 -33.30 11.23
N ALA A 379 4.15 -33.77 9.99
CA ALA A 379 5.25 -33.39 9.05
C ALA A 379 5.16 -31.88 8.71
N VAL A 380 3.96 -31.37 8.48
CA VAL A 380 3.68 -29.93 8.24
C VAL A 380 4.07 -29.12 9.48
N LYS A 381 3.65 -29.55 10.67
CA LYS A 381 4.01 -28.87 11.94
C LYS A 381 5.53 -28.90 12.13
N ASN A 382 6.15 -30.05 11.88
CA ASN A 382 7.61 -30.28 12.07
C ASN A 382 8.40 -29.42 11.07
N TRP A 383 7.91 -29.26 9.83
CA TRP A 383 8.56 -28.38 8.80
C TRP A 383 8.56 -26.91 9.31
N LEU A 384 7.40 -26.46 9.79
CA LEU A 384 7.23 -25.07 10.32
C LEU A 384 8.21 -24.82 11.48
N VAL A 385 8.27 -25.71 12.47
CA VAL A 385 9.16 -25.56 13.65
C VAL A 385 10.63 -25.60 13.20
N ARG A 386 10.98 -26.53 12.29
CA ARG A 386 12.37 -26.78 11.85
C ARG A 386 12.85 -25.65 10.91
N VAL A 387 12.08 -25.33 9.86
CA VAL A 387 12.57 -24.39 8.79
C VAL A 387 11.67 -23.17 8.54
N GLY A 388 10.51 -23.05 9.20
CA GLY A 388 9.50 -22.00 8.95
C GLY A 388 10.14 -20.61 8.90
N ARG A 389 10.95 -20.28 9.88
CA ARG A 389 11.56 -18.92 9.96
C ARG A 389 12.51 -18.70 8.77
N GLU A 390 13.27 -19.74 8.38
CA GLU A 390 14.21 -19.66 7.23
C GLU A 390 13.39 -19.42 5.94
N ARG A 391 12.26 -20.11 5.80
CA ARG A 391 11.38 -20.02 4.59
C ARG A 391 10.70 -18.64 4.54
N LEU A 392 10.39 -18.04 5.69
CA LEU A 392 9.82 -16.66 5.73
C LEU A 392 10.87 -15.66 5.21
N SER A 393 12.12 -15.87 5.59
CA SER A 393 13.28 -15.00 5.24
C SER A 393 13.51 -15.03 3.72
N ARG A 394 12.96 -16.01 3.00
CA ARG A 394 13.18 -16.16 1.53
C ARG A 394 12.14 -15.33 0.80
N MET A 395 11.33 -14.56 1.51
CA MET A 395 10.22 -13.79 0.91
C MET A 395 10.31 -12.28 1.29
N ALA A 396 9.76 -11.45 0.41
CA ALA A 396 9.41 -10.04 0.62
C ALA A 396 7.95 -9.88 0.25
N ILE A 397 7.13 -9.57 1.25
CA ILE A 397 5.65 -9.52 1.14
C ILE A 397 5.15 -8.16 1.65
N SER A 398 4.45 -7.47 0.77
CA SER A 398 3.79 -6.18 1.00
C SER A 398 2.33 -6.31 0.62
N GLY A 399 1.47 -6.64 1.60
CA GLY A 399 0.05 -6.95 1.28
C GLY A 399 -0.07 -8.05 0.22
N ASP A 400 -0.78 -7.79 -0.89
CA ASP A 400 -1.00 -8.80 -1.96
C ASP A 400 0.23 -8.98 -2.86
N ASP A 401 1.30 -8.23 -2.63
CA ASP A 401 2.53 -8.22 -3.48
C ASP A 401 3.60 -9.11 -2.86
N CYS A 402 4.15 -10.08 -3.59
CA CYS A 402 5.22 -10.94 -3.04
C CYS A 402 6.36 -11.13 -4.03
N VAL A 403 7.51 -11.44 -3.45
CA VAL A 403 8.71 -12.02 -4.13
C VAL A 403 9.12 -13.19 -3.24
N VAL A 404 9.36 -14.34 -3.87
CA VAL A 404 9.72 -15.61 -3.17
C VAL A 404 10.94 -16.20 -3.88
N LYS A 405 11.99 -16.51 -3.13
CA LYS A 405 13.16 -17.29 -3.61
C LYS A 405 13.11 -18.67 -2.94
N PRO A 406 12.38 -19.64 -3.54
CA PRO A 406 12.23 -20.97 -2.95
C PRO A 406 13.51 -21.79 -2.97
N LEU A 407 13.48 -22.90 -2.24
CA LEU A 407 14.61 -23.86 -2.12
C LEU A 407 15.05 -24.33 -3.53
N ASP A 408 14.13 -24.48 -4.49
CA ASP A 408 14.45 -24.95 -5.87
C ASP A 408 13.28 -24.61 -6.77
N ASP A 409 13.34 -24.98 -8.04
CA ASP A 409 12.31 -24.54 -9.02
C ASP A 409 11.09 -25.47 -9.05
N ARG A 410 10.98 -26.48 -8.18
CA ARG A 410 9.71 -27.26 -8.09
C ARG A 410 8.55 -26.34 -7.73
N PHE A 411 8.82 -25.24 -7.02
CA PHE A 411 7.84 -24.18 -6.66
C PHE A 411 7.03 -23.74 -7.89
N ALA A 412 7.69 -23.58 -9.05
CA ALA A 412 7.07 -23.03 -10.29
C ALA A 412 5.79 -23.78 -10.68
N SER A 413 5.75 -25.11 -10.48
CA SER A 413 4.62 -25.96 -10.91
C SER A 413 3.83 -26.46 -9.70
N ALA A 414 4.10 -25.92 -8.50
CA ALA A 414 3.36 -26.30 -7.28
C ALA A 414 2.16 -25.36 -7.18
N LEU A 415 1.04 -25.72 -7.81
CA LEU A 415 -0.10 -24.81 -8.10
C LEU A 415 -1.40 -25.31 -7.43
N THR A 416 -1.46 -26.52 -6.90
CA THR A 416 -2.79 -27.06 -6.45
C THR A 416 -3.30 -26.28 -5.23
N ALA A 417 -2.50 -26.08 -4.18
CA ALA A 417 -2.93 -25.32 -2.98
C ALA A 417 -3.24 -23.87 -3.37
N LEU A 418 -2.35 -23.22 -4.16
CA LEU A 418 -2.51 -21.79 -4.51
C LEU A 418 -3.86 -21.60 -5.21
N ASN A 419 -4.19 -22.48 -6.18
CA ASN A 419 -5.44 -22.39 -6.98
C ASN A 419 -6.60 -22.74 -6.05
N ASP A 420 -6.47 -23.74 -5.20
CA ASP A 420 -7.62 -24.16 -4.35
C ASP A 420 -7.88 -23.13 -3.21
N MET A 421 -6.86 -22.40 -2.72
CA MET A 421 -7.08 -21.32 -1.74
C MET A 421 -7.79 -20.13 -2.42
N GLY A 422 -7.96 -20.15 -3.74
CA GLY A 422 -8.56 -19.05 -4.54
C GLY A 422 -7.58 -17.98 -5.00
N LYS A 423 -6.28 -18.11 -4.71
CA LYS A 423 -5.27 -17.08 -5.09
C LYS A 423 -4.74 -17.34 -6.51
N VAL A 424 -5.63 -17.24 -7.50
CA VAL A 424 -5.36 -17.46 -8.95
C VAL A 424 -4.44 -16.37 -9.48
N ARG A 425 -3.37 -16.79 -10.16
CA ARG A 425 -2.34 -15.91 -10.73
C ARG A 425 -2.96 -15.11 -11.86
N LYS A 426 -2.56 -13.85 -11.98
CA LYS A 426 -2.92 -12.90 -13.07
C LYS A 426 -2.11 -13.26 -14.34
N ASP A 427 -2.71 -13.16 -15.54
CA ASP A 427 -1.96 -13.07 -16.83
C ASP A 427 -1.13 -14.34 -17.10
N ILE A 428 -1.69 -15.51 -16.73
CA ILE A 428 -1.09 -16.84 -16.99
C ILE A 428 -2.24 -17.82 -16.87
N GLN A 429 -2.19 -18.96 -17.55
CA GLN A 429 -3.27 -19.97 -17.52
C GLN A 429 -3.10 -20.79 -16.25
N GLN A 430 -4.19 -21.31 -15.75
CA GLN A 430 -4.33 -21.84 -14.37
C GLN A 430 -3.22 -22.83 -14.05
N TRP A 431 -2.83 -23.69 -15.01
CA TRP A 431 -1.95 -24.84 -14.71
C TRP A 431 -0.59 -24.67 -15.41
N GLU A 432 -0.34 -23.52 -16.02
CA GLU A 432 0.97 -23.19 -16.65
C GLU A 432 1.93 -22.83 -15.51
N PRO A 433 3.12 -23.45 -15.49
CA PRO A 433 4.13 -23.17 -14.47
C PRO A 433 4.52 -21.70 -14.45
N SER A 434 4.74 -21.13 -13.26
CA SER A 434 5.22 -19.73 -13.14
C SER A 434 6.55 -19.55 -13.86
N ARG A 435 6.75 -18.40 -14.51
CA ARG A 435 8.10 -17.99 -15.00
C ARG A 435 8.78 -17.16 -13.90
N GLY A 436 10.01 -17.54 -13.54
CA GLY A 436 10.80 -16.87 -12.52
C GLY A 436 11.77 -15.89 -13.15
N TRP A 437 12.40 -15.09 -12.30
CA TRP A 437 13.43 -14.10 -12.67
C TRP A 437 14.79 -14.62 -12.23
N ASN A 438 15.79 -14.55 -13.11
CA ASN A 438 17.15 -14.99 -12.81
C ASN A 438 17.95 -13.87 -12.17
N ASP A 439 17.47 -12.63 -12.18
CA ASP A 439 18.33 -11.51 -11.72
C ASP A 439 17.47 -10.58 -10.88
N TRP A 440 17.88 -10.36 -9.64
CA TRP A 440 17.11 -9.56 -8.65
C TRP A 440 16.83 -8.14 -9.17
N THR A 441 17.67 -7.64 -10.08
CA THR A 441 17.54 -6.28 -10.66
C THR A 441 16.41 -6.20 -11.68
N GLN A 442 15.84 -7.34 -12.08
CA GLN A 442 14.73 -7.42 -13.05
C GLN A 442 13.40 -7.70 -12.35
N VAL A 443 13.42 -8.07 -11.07
CA VAL A 443 12.18 -8.49 -10.32
C VAL A 443 11.29 -7.29 -10.09
N PRO A 444 9.97 -7.36 -10.39
CA PRO A 444 9.07 -6.29 -9.98
C PRO A 444 8.66 -6.41 -8.51
N PHE A 445 8.58 -5.30 -7.78
CA PHE A 445 8.06 -5.31 -6.38
C PHE A 445 7.57 -3.92 -6.00
N CYS A 446 6.34 -3.78 -5.49
CA CYS A 446 5.81 -2.44 -5.03
C CYS A 446 5.92 -1.41 -6.17
N SER A 447 5.59 -1.83 -7.39
CA SER A 447 5.52 -1.02 -8.65
C SER A 447 6.91 -0.54 -9.12
N HIS A 448 7.99 -1.09 -8.59
CA HIS A 448 9.37 -0.68 -8.92
C HIS A 448 10.21 -1.86 -9.40
N HIS A 449 11.37 -1.53 -10.00
CA HIS A 449 12.53 -2.42 -10.07
C HIS A 449 13.69 -1.68 -9.42
N PHE A 450 14.84 -2.33 -9.30
CA PHE A 450 15.95 -1.82 -8.48
C PHE A 450 17.26 -1.97 -9.25
N HIS A 451 18.07 -0.91 -9.23
CA HIS A 451 19.38 -0.89 -9.90
C HIS A 451 20.51 -0.95 -8.87
N GLU A 452 21.64 -1.55 -9.26
CA GLU A 452 22.88 -1.49 -8.45
C GLU A 452 23.75 -0.37 -9.05
N LEU A 453 24.08 0.65 -8.29
CA LEU A 453 24.69 1.90 -8.85
C LEU A 453 25.98 2.18 -8.10
N ILE A 454 27.11 2.23 -8.80
CA ILE A 454 28.43 2.31 -8.13
C ILE A 454 28.90 3.77 -8.15
N MET A 455 29.14 4.32 -6.98
CA MET A 455 29.61 5.71 -6.78
C MET A 455 31.06 5.80 -7.24
N LYS A 456 31.48 6.99 -7.68
N LYS A 456 31.48 6.99 -7.68
CA LYS A 456 32.85 7.25 -8.17
CA LYS A 456 32.86 7.24 -8.16
C LYS A 456 33.88 6.78 -7.12
C LYS A 456 33.86 6.74 -7.12
N ASP A 457 33.51 6.83 -5.83
CA ASP A 457 34.39 6.39 -4.72
C ASP A 457 34.26 4.89 -4.42
N GLY A 458 33.57 4.10 -5.25
CA GLY A 458 33.53 2.65 -5.05
C GLY A 458 32.34 2.15 -4.23
N ARG A 459 31.64 2.97 -3.45
CA ARG A 459 30.59 2.45 -2.56
C ARG A 459 29.33 2.13 -3.41
N VAL A 460 28.51 1.23 -2.93
CA VAL A 460 27.36 0.66 -3.71
C VAL A 460 26.02 1.16 -3.20
N LEU A 461 25.24 1.76 -4.10
CA LEU A 461 23.84 2.11 -3.79
C LEU A 461 22.90 1.11 -4.50
N VAL A 462 21.86 0.64 -3.83
CA VAL A 462 20.75 -0.07 -4.50
C VAL A 462 19.56 0.87 -4.50
N VAL A 463 19.16 1.32 -5.69
CA VAL A 463 18.20 2.42 -5.87
C VAL A 463 16.89 1.95 -6.51
N PRO A 464 15.77 2.58 -6.11
CA PRO A 464 14.45 2.28 -6.70
C PRO A 464 14.23 2.98 -8.04
N CYS A 465 13.43 2.36 -8.91
CA CYS A 465 13.26 2.92 -10.29
C CYS A 465 11.91 2.46 -10.84
N ARG A 466 11.33 3.28 -11.70
CA ARG A 466 10.20 2.82 -12.52
C ARG A 466 10.16 3.70 -13.76
N ASN A 467 9.36 3.29 -14.72
CA ASN A 467 9.30 4.05 -16.00
C ASN A 467 9.05 5.53 -15.67
N GLN A 468 9.84 6.42 -16.26
CA GLN A 468 9.86 7.85 -15.88
C GLN A 468 8.55 8.53 -16.29
N ASP A 469 7.90 8.04 -17.34
CA ASP A 469 6.57 8.61 -17.72
C ASP A 469 5.58 8.46 -16.55
N GLU A 470 5.64 7.34 -15.81
CA GLU A 470 4.71 7.11 -14.68
C GLU A 470 5.00 8.12 -13.57
N LEU A 471 6.26 8.41 -13.29
CA LEU A 471 6.68 9.34 -12.21
C LEU A 471 6.22 10.77 -12.55
N ILE A 472 6.50 11.19 -13.77
CA ILE A 472 6.16 12.59 -14.20
C ILE A 472 4.65 12.75 -14.29
N GLY A 473 3.98 11.77 -14.85
CA GLY A 473 2.51 11.83 -14.98
C GLY A 473 1.80 11.85 -13.62
N ARG A 474 2.30 11.13 -12.61
CA ARG A 474 1.67 11.16 -11.25
C ARG A 474 1.91 12.52 -10.58
N ALA A 475 3.11 13.09 -10.69
CA ALA A 475 3.48 14.39 -10.06
C ALA A 475 2.67 15.55 -10.68
N ARG A 476 2.13 15.38 -11.89
CA ARG A 476 1.32 16.44 -12.57
C ARG A 476 -0.15 16.39 -12.14
N ILE A 477 -0.51 15.48 -11.24
CA ILE A 477 -1.91 15.28 -10.81
C ILE A 477 -2.05 15.66 -9.35
N SER A 478 -3.16 16.34 -9.04
N SER A 478 -3.15 16.33 -9.02
CA SER A 478 -3.66 16.60 -7.67
CA SER A 478 -3.60 16.59 -7.62
C SER A 478 -5.02 15.93 -7.52
C SER A 478 -5.09 16.23 -7.48
N GLN A 479 -5.50 15.82 -6.29
CA GLN A 479 -6.87 15.32 -5.98
C GLN A 479 -7.56 16.33 -5.05
N GLY A 480 -8.84 16.62 -5.31
CA GLY A 480 -9.68 17.47 -4.43
C GLY A 480 -9.79 18.90 -4.94
N ALA A 481 -10.69 19.67 -4.33
CA ALA A 481 -11.01 21.06 -4.70
C ALA A 481 -10.37 22.07 -3.73
N GLY A 482 -10.40 23.34 -4.11
CA GLY A 482 -10.06 24.52 -3.27
C GLY A 482 -8.57 24.64 -3.07
N TRP A 483 -7.73 24.16 -3.99
CA TRP A 483 -6.26 24.33 -3.83
C TRP A 483 -5.87 25.78 -4.14
N SER A 484 -5.27 26.45 -3.18
CA SER A 484 -4.62 27.76 -3.46
C SER A 484 -3.40 27.52 -4.35
N LEU A 485 -2.80 28.60 -4.91
CA LEU A 485 -1.51 28.49 -5.64
C LEU A 485 -0.40 28.06 -4.67
N ARG A 486 -0.39 28.59 -3.43
CA ARG A 486 0.59 28.14 -2.41
C ARG A 486 0.47 26.64 -2.15
N GLU A 487 -0.72 26.11 -1.92
CA GLU A 487 -0.91 24.69 -1.60
C GLU A 487 -0.47 23.85 -2.82
N THR A 488 -0.79 24.30 -4.03
CA THR A 488 -0.36 23.56 -5.27
C THR A 488 1.16 23.55 -5.37
N ALA A 489 1.80 24.70 -5.15
CA ALA A 489 3.28 24.79 -5.14
C ALA A 489 3.88 23.83 -4.10
N CYS A 490 3.31 23.77 -2.89
CA CYS A 490 3.88 22.96 -1.78
C CYS A 490 3.71 21.46 -2.14
N LEU A 491 2.64 21.05 -2.81
CA LEU A 491 2.52 19.65 -3.30
C LEU A 491 3.56 19.35 -4.40
N GLY A 492 3.82 20.31 -5.28
CA GLY A 492 4.91 20.16 -6.26
C GLY A 492 6.24 19.97 -5.60
N LYS A 493 6.51 20.74 -4.55
CA LYS A 493 7.76 20.62 -3.77
C LYS A 493 7.87 19.24 -3.13
N SER A 494 6.79 18.65 -2.61
CA SER A 494 6.83 17.29 -2.03
C SER A 494 7.30 16.32 -3.13
N TYR A 495 6.74 16.36 -4.35
CA TYR A 495 7.19 15.45 -5.44
C TYR A 495 8.67 15.69 -5.74
N ALA A 496 9.08 16.94 -5.83
CA ALA A 496 10.48 17.30 -6.18
C ALA A 496 11.42 16.71 -5.15
N GLN A 497 11.12 16.89 -3.87
CA GLN A 497 12.03 16.38 -2.81
C GLN A 497 12.04 14.83 -2.81
N MET A 498 10.90 14.18 -3.10
CA MET A 498 10.90 12.69 -3.22
C MET A 498 11.83 12.32 -4.35
N TRP A 499 11.73 13.01 -5.46
CA TRP A 499 12.61 12.72 -6.62
C TRP A 499 14.10 12.86 -6.25
N SER A 500 14.48 13.96 -5.56
N SER A 500 14.49 13.94 -5.55
CA SER A 500 15.87 14.21 -5.11
CA SER A 500 15.89 14.20 -5.14
C SER A 500 16.35 13.05 -4.24
C SER A 500 16.38 13.10 -4.19
N LEU A 501 15.49 12.52 -3.38
CA LEU A 501 15.88 11.42 -2.44
C LEU A 501 15.86 10.01 -3.06
N MET A 502 14.86 9.66 -3.85
CA MET A 502 14.64 8.28 -4.34
C MET A 502 15.14 8.12 -5.80
N TYR A 503 15.03 9.16 -6.63
CA TYR A 503 15.19 9.04 -8.11
C TYR A 503 16.25 10.03 -8.63
N PHE A 504 17.22 10.40 -7.77
CA PHE A 504 18.33 11.32 -8.08
C PHE A 504 19.15 10.79 -9.26
N HIS A 505 19.14 9.46 -9.44
CA HIS A 505 19.90 8.72 -10.49
C HIS A 505 19.30 8.86 -11.89
N ARG A 506 18.13 9.50 -12.02
CA ARG A 506 17.45 9.73 -13.33
C ARG A 506 17.73 11.18 -13.70
N ARG A 507 18.51 11.40 -14.78
CA ARG A 507 18.94 12.76 -15.19
C ARG A 507 17.77 13.75 -15.22
N ASP A 508 16.65 13.42 -15.85
CA ASP A 508 15.53 14.37 -16.04
C ASP A 508 14.91 14.72 -14.68
N LEU A 509 14.82 13.75 -13.75
CA LEU A 509 14.11 13.99 -12.48
C LEU A 509 15.01 14.83 -11.58
N ARG A 510 16.32 14.63 -11.57
CA ARG A 510 17.18 15.47 -10.71
C ARG A 510 17.06 16.90 -11.19
N LEU A 511 17.08 17.10 -12.52
CA LEU A 511 16.99 18.46 -13.11
C LEU A 511 15.62 19.06 -12.77
N ALA A 512 14.53 18.35 -13.02
CA ALA A 512 13.16 18.89 -12.78
C ALA A 512 12.95 19.15 -11.27
N ALA A 513 13.51 18.32 -10.40
CA ALA A 513 13.41 18.50 -8.93
C ALA A 513 14.12 19.79 -8.52
N ASN A 514 15.33 19.96 -9.02
CA ASN A 514 16.08 21.24 -8.79
C ASN A 514 15.28 22.44 -9.29
N ALA A 515 14.67 22.36 -10.48
CA ALA A 515 13.87 23.46 -11.04
C ALA A 515 12.69 23.78 -10.12
N ILE A 516 11.90 22.76 -9.74
CA ILE A 516 10.70 22.99 -8.90
C ILE A 516 11.15 23.60 -7.55
N CYS A 517 12.21 23.07 -6.92
CA CYS A 517 12.69 23.62 -5.62
C CYS A 517 13.20 25.06 -5.83
N SER A 518 13.64 25.44 -7.03
CA SER A 518 14.15 26.81 -7.28
C SER A 518 12.93 27.72 -7.48
N ALA A 519 11.82 27.15 -7.93
CA ALA A 519 10.64 27.94 -8.37
C ALA A 519 9.70 28.15 -7.20
N VAL A 520 9.79 27.34 -6.14
CA VAL A 520 8.88 27.44 -4.96
C VAL A 520 9.64 28.18 -3.87
N PRO A 521 9.02 29.14 -3.12
CA PRO A 521 9.76 29.84 -2.05
C PRO A 521 10.48 28.83 -1.13
N SER A 522 11.75 29.09 -0.83
N SER A 522 11.74 29.13 -0.83
CA SER A 522 12.65 28.18 -0.09
CA SER A 522 12.69 28.26 -0.06
C SER A 522 12.03 27.73 1.25
C SER A 522 12.06 27.76 1.24
N HIS A 523 11.33 28.63 1.97
CA HIS A 523 10.79 28.31 3.33
C HIS A 523 9.40 27.68 3.31
N TRP A 524 8.72 27.62 2.16
CA TRP A 524 7.39 26.99 2.13
C TRP A 524 7.52 25.48 2.34
N VAL A 525 6.60 24.94 3.12
CA VAL A 525 6.68 23.58 3.68
C VAL A 525 5.97 22.63 2.71
N PRO A 526 6.62 21.55 2.27
CA PRO A 526 5.94 20.56 1.43
C PRO A 526 4.71 19.98 2.10
N THR A 527 3.65 19.75 1.33
CA THR A 527 2.38 19.15 1.80
C THR A 527 1.93 18.03 0.89
N SER A 528 1.04 17.23 1.45
CA SER A 528 0.23 16.17 0.80
C SER A 528 -1.13 16.22 1.48
N ARG A 529 -2.22 15.78 0.83
CA ARG A 529 -3.57 15.68 1.46
C ARG A 529 -3.83 14.24 1.96
N THR A 530 -3.20 13.21 1.37
CA THR A 530 -3.00 11.86 1.98
C THR A 530 -1.50 11.53 1.97
N THR A 531 -0.95 11.09 3.11
CA THR A 531 0.52 10.91 3.33
C THR A 531 0.90 9.44 3.08
N ALA A 536 5.24 2.95 3.91
CA ALA A 536 6.55 3.57 3.62
C ALA A 536 6.89 4.64 4.67
N THR A 537 8.06 5.28 4.51
CA THR A 537 8.57 6.38 5.36
C THR A 537 8.87 7.59 4.47
N HIS A 538 8.35 8.77 4.80
N HIS A 538 8.37 8.77 4.87
CA HIS A 538 8.37 9.96 3.90
CA HIS A 538 8.32 10.01 4.04
C HIS A 538 9.44 10.95 4.36
C HIS A 538 9.46 10.97 4.42
N GLU A 539 10.71 10.58 4.18
CA GLU A 539 11.88 11.42 4.62
C GLU A 539 11.98 12.72 3.82
N TRP A 540 11.35 12.80 2.63
CA TRP A 540 11.40 14.05 1.82
C TRP A 540 10.42 15.11 2.36
N MET A 541 9.60 14.77 3.35
CA MET A 541 8.59 15.72 3.84
C MET A 541 9.21 16.53 4.98
N THR A 542 9.92 17.60 4.64
CA THR A 542 10.84 18.33 5.55
C THR A 542 11.29 19.60 4.84
N THR A 543 11.72 20.62 5.58
CA THR A 543 12.36 21.84 5.02
C THR A 543 13.88 21.78 5.25
N GLU A 544 14.39 20.73 5.88
CA GLU A 544 15.85 20.45 5.95
C GLU A 544 16.44 20.38 4.53
N ASP A 545 17.69 20.78 4.40
CA ASP A 545 18.50 20.78 3.16
C ASP A 545 18.54 19.33 2.58
N MET A 546 18.19 19.14 1.30
CA MET A 546 18.03 17.76 0.75
C MET A 546 19.39 17.03 0.69
N LEU A 547 20.51 17.73 0.64
CA LEU A 547 21.82 17.01 0.63
C LEU A 547 22.03 16.38 2.02
N THR A 548 21.66 17.09 3.06
CA THR A 548 21.77 16.61 4.46
C THR A 548 20.88 15.37 4.64
N VAL A 549 19.66 15.41 4.14
CA VAL A 549 18.70 14.27 4.20
C VAL A 549 19.26 13.10 3.38
N TRP A 550 19.79 13.35 2.18
CA TRP A 550 20.34 12.28 1.32
C TRP A 550 21.45 11.55 2.11
N ASN A 551 22.35 12.30 2.72
CA ASN A 551 23.48 11.72 3.49
C ASN A 551 22.94 10.87 4.64
N ARG A 552 21.91 11.35 5.35
CA ARG A 552 21.36 10.59 6.50
C ARG A 552 20.78 9.27 5.99
N VAL A 553 20.01 9.31 4.91
CA VAL A 553 19.23 8.14 4.45
C VAL A 553 20.18 7.14 3.75
N TRP A 554 21.05 7.59 2.85
CA TRP A 554 21.83 6.70 1.97
C TRP A 554 23.18 6.34 2.56
N ILE A 555 23.69 7.11 3.54
CA ILE A 555 25.03 6.83 4.11
C ILE A 555 24.88 6.52 5.59
N GLN A 556 24.51 7.50 6.42
CA GLN A 556 24.65 7.42 7.91
C GLN A 556 23.79 6.27 8.44
N GLU A 557 22.51 6.22 8.05
CA GLU A 557 21.54 5.26 8.63
C GLU A 557 21.39 4.03 7.73
N ASN A 558 22.16 3.92 6.65
CA ASN A 558 22.04 2.79 5.70
C ASN A 558 22.82 1.60 6.25
N PRO A 559 22.18 0.52 6.74
CA PRO A 559 22.93 -0.60 7.32
C PRO A 559 23.72 -1.39 6.29
N TRP A 560 23.52 -1.18 5.00
CA TRP A 560 24.31 -1.89 3.96
C TRP A 560 25.55 -1.11 3.55
N MET A 561 25.78 0.10 4.09
CA MET A 561 26.93 0.98 3.75
C MET A 561 27.92 0.97 4.93
N GLU A 562 29.06 0.29 4.83
CA GLU A 562 30.02 0.20 5.96
C GLU A 562 30.79 1.53 6.10
N ASP A 563 31.21 2.14 5.00
CA ASP A 563 31.98 3.40 5.06
C ASP A 563 31.01 4.55 5.24
N LYS A 564 31.11 5.31 6.32
CA LYS A 564 30.16 6.40 6.67
C LYS A 564 30.66 7.78 6.20
N THR A 565 31.63 7.85 5.30
CA THR A 565 32.16 9.17 4.85
C THR A 565 31.03 9.96 4.18
N PRO A 566 30.67 11.17 4.67
CA PRO A 566 29.59 11.95 4.07
C PRO A 566 29.96 12.39 2.67
N VAL A 567 28.94 12.56 1.85
CA VAL A 567 29.09 13.15 0.49
C VAL A 567 29.03 14.66 0.66
N GLU A 568 29.87 15.42 -0.05
CA GLU A 568 30.04 16.88 0.20
C GLU A 568 29.20 17.67 -0.81
N SER A 569 28.88 17.09 -1.97
CA SER A 569 28.07 17.80 -2.97
C SER A 569 27.27 16.81 -3.81
N TRP A 570 26.26 17.33 -4.49
CA TRP A 570 25.41 16.51 -5.41
C TRP A 570 26.26 15.94 -6.56
N GLU A 571 27.38 16.55 -6.95
CA GLU A 571 28.21 16.03 -8.09
C GLU A 571 28.88 14.70 -7.76
N GLU A 572 29.05 14.36 -6.50
CA GLU A 572 29.54 13.03 -6.04
C GLU A 572 28.45 11.95 -6.15
N ILE A 573 27.19 12.32 -6.36
CA ILE A 573 26.05 11.36 -6.32
C ILE A 573 25.80 10.96 -7.77
N PRO A 574 25.92 9.66 -8.12
CA PRO A 574 25.91 9.21 -9.51
C PRO A 574 24.51 9.12 -10.15
N TYR A 575 24.53 9.01 -11.47
CA TYR A 575 23.36 8.65 -12.30
C TYR A 575 23.49 7.21 -12.79
N LEU A 576 22.36 6.63 -13.23
CA LEU A 576 22.35 5.42 -14.08
C LEU A 576 23.26 5.72 -15.27
N GLY A 577 23.75 4.68 -15.93
CA GLY A 577 24.29 4.81 -17.31
C GLY A 577 23.31 5.54 -18.22
N LYS A 578 23.86 6.31 -19.16
CA LYS A 578 23.08 7.15 -20.12
C LYS A 578 22.08 6.27 -20.87
N ARG A 579 22.53 5.12 -21.38
CA ARG A 579 21.69 4.19 -22.17
C ARG A 579 20.59 3.62 -21.27
N GLU A 580 20.97 3.11 -20.09
CA GLU A 580 20.04 2.51 -19.07
C GLU A 580 19.03 3.56 -18.59
N ASP A 581 19.45 4.81 -18.44
CA ASP A 581 18.55 5.92 -18.04
C ASP A 581 17.52 6.11 -19.17
N GLN A 582 17.96 5.97 -20.42
CA GLN A 582 17.07 6.05 -21.61
C GLN A 582 16.14 4.83 -21.68
N TRP A 583 16.60 3.65 -21.28
CA TRP A 583 15.78 2.40 -21.25
C TRP A 583 14.57 2.59 -20.31
N CYS A 584 14.78 3.29 -19.20
CA CYS A 584 13.79 3.53 -18.13
C CYS A 584 12.97 4.82 -18.36
N GLY A 585 13.02 5.38 -19.58
CA GLY A 585 12.08 6.41 -20.09
C GLY A 585 12.66 7.82 -20.09
N SER A 586 13.98 7.98 -19.93
CA SER A 586 14.65 9.32 -20.04
C SER A 586 14.47 9.92 -21.45
N LEU A 587 14.29 11.24 -21.50
CA LEU A 587 14.14 12.01 -22.75
C LEU A 587 15.47 12.64 -23.19
N ILE A 588 16.59 12.29 -22.53
CA ILE A 588 17.94 12.76 -22.97
C ILE A 588 18.13 12.35 -24.44
N GLY A 589 18.78 13.21 -25.23
CA GLY A 589 19.03 12.97 -26.66
C GLY A 589 17.87 13.44 -27.53
N LEU A 590 16.84 14.05 -26.94
CA LEU A 590 15.72 14.66 -27.70
C LEU A 590 15.85 16.19 -27.64
N THR A 591 15.80 16.83 -28.81
CA THR A 591 15.89 18.30 -28.99
C THR A 591 14.93 18.98 -28.00
N SER A 592 13.73 18.43 -27.78
CA SER A 592 12.78 19.00 -26.79
C SER A 592 13.46 19.08 -25.39
N ARG A 593 14.14 18.01 -24.99
CA ARG A 593 14.75 17.91 -23.63
C ARG A 593 15.95 18.87 -23.56
N ALA A 594 16.79 18.91 -24.61
CA ALA A 594 17.97 19.82 -24.66
C ALA A 594 17.53 21.28 -24.52
N THR A 595 16.46 21.67 -25.18
CA THR A 595 16.00 23.07 -25.14
C THR A 595 15.44 23.39 -23.73
N TRP A 596 14.66 22.45 -23.18
CA TRP A 596 14.16 22.57 -21.78
C TRP A 596 15.35 22.77 -20.84
N ALA A 597 16.36 21.90 -20.86
CA ALA A 597 17.50 21.97 -19.91
C ALA A 597 18.25 23.29 -20.07
N LYS A 598 18.52 23.67 -21.32
CA LYS A 598 19.27 24.91 -21.63
C LYS A 598 18.56 26.14 -21.09
N ASN A 599 17.25 26.22 -21.29
CA ASN A 599 16.39 27.39 -20.97
C ASN A 599 15.67 27.22 -19.61
N ILE A 600 16.14 26.38 -18.72
CA ILE A 600 15.37 26.07 -17.47
C ILE A 600 15.13 27.33 -16.61
N GLN A 601 16.09 28.27 -16.58
N GLN A 601 16.09 28.27 -16.58
CA GLN A 601 15.95 29.50 -15.74
CA GLN A 601 15.96 29.50 -15.75
C GLN A 601 14.72 30.31 -16.21
C GLN A 601 14.74 30.31 -16.21
N THR A 602 14.43 30.29 -17.51
CA THR A 602 13.22 30.95 -18.07
C THR A 602 11.94 30.31 -17.52
N ALA A 603 11.90 29.00 -17.34
CA ALA A 603 10.72 28.25 -16.87
C ALA A 603 10.57 28.54 -15.38
N ILE A 604 11.70 28.52 -14.69
CA ILE A 604 11.73 28.77 -13.22
C ILE A 604 11.17 30.18 -12.99
N ASN A 605 11.61 31.14 -13.80
CA ASN A 605 11.20 32.58 -13.71
C ASN A 605 9.72 32.74 -14.06
N GLN A 606 9.17 31.95 -14.98
CA GLN A 606 7.73 32.02 -15.28
C GLN A 606 6.96 31.68 -13.99
N VAL A 607 7.31 30.56 -13.34
CA VAL A 607 6.59 30.14 -12.13
C VAL A 607 6.83 31.16 -10.99
N ARG A 608 8.05 31.67 -10.81
CA ARG A 608 8.32 32.69 -9.75
C ARG A 608 7.43 33.92 -9.95
N SER A 609 7.27 34.34 -11.20
CA SER A 609 6.44 35.52 -11.59
C SER A 609 4.98 35.25 -11.22
N LEU A 610 4.48 34.03 -11.40
CA LEU A 610 3.08 33.71 -11.05
C LEU A 610 2.91 33.76 -9.52
N ILE A 611 3.85 33.19 -8.78
CA ILE A 611 3.73 33.05 -7.30
C ILE A 611 3.91 34.45 -6.67
N GLY A 612 4.86 35.23 -7.19
CA GLY A 612 5.08 36.65 -6.87
C GLY A 612 6.39 36.90 -6.15
N ASN A 613 6.47 38.00 -5.41
CA ASN A 613 7.73 38.50 -4.80
C ASN A 613 7.95 37.83 -3.43
N GLU A 614 8.68 36.72 -3.41
CA GLU A 614 8.83 35.81 -2.29
C GLU A 614 10.31 35.53 -2.20
N GLU A 615 10.77 34.81 -1.21
CA GLU A 615 12.23 34.55 -1.14
C GLU A 615 12.43 33.20 -1.82
N TYR A 616 13.26 33.15 -2.85
CA TYR A 616 13.61 31.92 -3.59
C TYR A 616 15.13 31.68 -3.52
N THR A 617 15.55 30.41 -3.62
CA THR A 617 16.95 29.93 -3.77
C THR A 617 17.15 29.33 -5.18
N ASP A 618 18.30 29.57 -5.81
CA ASP A 618 18.65 28.89 -7.09
C ASP A 618 19.36 27.57 -6.73
N TYR A 619 18.69 26.42 -6.93
CA TYR A 619 19.33 25.10 -6.73
C TYR A 619 20.02 24.59 -8.01
N MET A 620 19.90 25.26 -9.16
CA MET A 620 20.46 24.71 -10.43
C MET A 620 22.00 24.59 -10.40
N PRO A 621 22.82 25.53 -9.87
CA PRO A 621 24.29 25.35 -9.81
C PRO A 621 24.83 24.16 -8.99
N SER A 622 23.99 23.43 -8.23
CA SER A 622 24.29 22.09 -7.63
C SER A 622 24.60 21.05 -8.74
N MET A 623 24.23 21.35 -10.00
CA MET A 623 24.45 20.48 -11.18
C MET A 623 25.62 21.03 -12.00
N LYS A 624 26.57 20.17 -12.40
CA LYS A 624 27.81 20.55 -13.13
C LYS A 624 27.52 21.52 -14.29
N ARG A 625 26.50 21.23 -15.10
CA ARG A 625 26.19 21.98 -16.36
C ARG A 625 25.78 23.45 -16.07
N PHE A 626 25.17 23.76 -14.91
CA PHE A 626 24.72 25.13 -14.50
C PHE A 626 25.75 25.75 -13.56
N ARG A 627 26.69 24.93 -13.06
CA ARG A 627 27.84 25.40 -12.26
C ARG A 627 28.89 25.95 -13.25
N ARG A 628 28.60 27.10 -13.88
CA ARG A 628 29.54 27.88 -14.75
C ARG A 628 30.13 27.00 -15.85
#